data_6R1E
#
_entry.id   6R1E
#
_cell.length_a   92.945
_cell.length_b   92.945
_cell.length_c   227.845
_cell.angle_alpha   90.00
_cell.angle_beta   90.00
_cell.angle_gamma   120.00
#
_symmetry.space_group_name_H-M   'H 3 2'
#
loop_
_entity.id
_entity.type
_entity.pdbx_description
1 polymer dodecin
2 non-polymer 'FLAVIN MONONUCLEOTIDE'
3 non-polymer 'COENZYME A'
4 non-polymer 'CHLORIDE ION'
5 non-polymer 'SODIUM ION'
6 non-polymer 'SULFATE ION'
7 water water
#
_entity_poly.entity_id   1
_entity_poly.type   'polypeptide(L)'
_entity_poly.pdbx_seq_one_letter_code
;(FOR)MSNHTYRVTEVVGTSPDGVDQAVRNAVTRASQTLRKLDWFEVTQVRGQIEDGQVAHWQVGLKLGFRLEES
;
_entity_poly.pdbx_strand_id   A,B,C,D
#
loop_
_chem_comp.id
_chem_comp.type
_chem_comp.name
_chem_comp.formula
CL non-polymer 'CHLORIDE ION' 'Cl -1'
COA non-polymer 'COENZYME A' 'C21 H36 N7 O16 P3 S'
FMN non-polymer 'FLAVIN MONONUCLEOTIDE' 'C17 H21 N4 O9 P'
FOR non-polymer 'FORMYL GROUP' 'C H2 O'
NA non-polymer 'SODIUM ION' 'Na 1'
SO4 non-polymer 'SULFATE ION' 'O4 S -2'
#
# COMPACT_ATOMS: atom_id res chain seq x y z
C FOR A 1 -15.49 -13.60 -0.28
O FOR A 1 -15.71 -12.48 -0.76
N MET A 2 -16.26 -14.01 0.77
CA MET A 2 -16.83 -15.37 1.08
C MET A 2 -18.30 -15.22 1.55
N SER A 3 -19.05 -16.32 1.61
CA SER A 3 -20.55 -16.32 1.58
C SER A 3 -21.29 -15.31 2.48
N ASN A 4 -21.70 -14.21 1.85
CA ASN A 4 -22.36 -13.06 2.49
C ASN A 4 -21.56 -12.45 3.69
N HIS A 5 -20.24 -12.66 3.74
CA HIS A 5 -19.40 -12.02 4.75
C HIS A 5 -19.19 -10.54 4.44
N THR A 6 -19.43 -9.71 5.45
CA THR A 6 -19.01 -8.31 5.40
C THR A 6 -17.58 -8.25 6.00
N TYR A 7 -16.75 -7.41 5.37
CA TYR A 7 -15.37 -7.17 5.78
C TYR A 7 -15.26 -5.69 6.14
N ARG A 8 -14.60 -5.43 7.26
CA ARG A 8 -14.32 -4.08 7.69
C ARG A 8 -12.86 -3.76 7.28
N VAL A 9 -12.66 -2.57 6.67
CA VAL A 9 -11.32 -2.09 6.18
C VAL A 9 -10.88 -0.83 6.95
N THR A 10 -10.27 -1.05 8.11
CA THR A 10 -9.78 0.00 9.00
C THR A 10 -8.35 0.44 8.63
N GLU A 11 -8.08 1.74 8.80
CA GLU A 11 -6.81 2.33 8.37
C GLU A 11 -5.90 2.68 9.56
N VAL A 12 -4.64 2.29 9.45
CA VAL A 12 -3.63 2.54 10.48
C VAL A 12 -2.30 2.96 9.82
N VAL A 13 -1.42 3.58 10.61
CA VAL A 13 -0.03 3.82 10.22
C VAL A 13 0.83 2.99 11.16
N GLY A 14 1.63 2.09 10.59
CA GLY A 14 2.57 1.25 11.33
C GLY A 14 3.94 1.89 11.31
N THR A 15 4.70 1.71 12.40
CA THR A 15 5.95 2.46 12.67
C THR A 15 7.09 1.55 13.20
N SER A 16 8.32 1.88 12.78
CA SER A 16 9.54 1.13 13.17
C SER A 16 10.77 1.99 12.88
N PRO A 17 11.80 1.94 13.76
CA PRO A 17 13.08 2.61 13.43
C PRO A 17 14.00 1.88 12.42
N ASP A 18 13.63 0.68 11.96
CA ASP A 18 14.53 -0.17 11.14
C ASP A 18 14.08 -0.39 9.68
N GLY A 19 12.81 -0.18 9.37
CA GLY A 19 12.38 -0.22 7.98
C GLY A 19 10.89 -0.28 7.69
N VAL A 20 10.59 -0.30 6.39
CA VAL A 20 9.21 -0.38 5.88
C VAL A 20 8.52 -1.67 6.33
N ASP A 21 9.18 -2.81 6.14
CA ASP A 21 8.65 -4.13 6.48
C ASP A 21 8.36 -4.29 7.99
N GLN A 22 9.29 -3.88 8.83
CA GLN A 22 9.08 -3.98 10.27
C GLN A 22 7.97 -3.04 10.74
N ALA A 23 7.83 -1.90 10.08
CA ALA A 23 6.72 -0.97 10.35
C ALA A 23 5.34 -1.61 10.06
N VAL A 24 5.26 -2.39 8.98
CA VAL A 24 4.05 -3.14 8.65
C VAL A 24 3.85 -4.28 9.66
N ARG A 25 4.89 -5.00 10.04
CA ARG A 25 4.77 -6.05 11.08
C ARG A 25 4.33 -5.52 12.48
N ASN A 26 4.77 -4.32 12.86
CA ASN A 26 4.41 -3.74 14.15
C ASN A 26 2.92 -3.38 14.26
N ALA A 27 2.37 -2.85 13.16
CA ALA A 27 0.94 -2.60 13.04
C ALA A 27 0.10 -3.87 12.97
N VAL A 28 0.57 -4.87 12.24
CA VAL A 28 -0.19 -6.15 12.12
C VAL A 28 -0.27 -6.81 13.51
N THR A 29 0.88 -6.81 14.21
CA THR A 29 1.01 -7.30 15.58
C THR A 29 0.06 -6.55 16.49
N ARG A 30 0.15 -5.22 16.49
CA ARG A 30 -0.73 -4.40 17.33
C ARG A 30 -2.20 -4.62 16.96
N ALA A 31 -2.52 -4.66 15.67
CA ALA A 31 -3.89 -4.91 15.26
C ALA A 31 -4.42 -6.27 15.72
N SER A 32 -3.58 -7.30 15.72
CA SER A 32 -4.03 -8.67 16.10
C SER A 32 -4.30 -8.87 17.61
N GLN A 33 -3.84 -7.94 18.44
CA GLN A 33 -4.13 -7.97 19.86
C GLN A 33 -5.59 -7.68 20.19
N THR A 34 -6.24 -6.81 19.42
CA THR A 34 -7.67 -6.49 19.59
C THR A 34 -8.60 -7.04 18.51
N LEU A 35 -8.08 -7.31 17.30
CA LEU A 35 -8.92 -7.69 16.16
C LEU A 35 -8.74 -9.15 15.76
N ARG A 36 -9.87 -9.75 15.35
CA ARG A 36 -9.92 -11.13 14.90
C ARG A 36 -10.31 -11.16 13.42
N LYS A 37 -9.90 -12.25 12.77
CA LYS A 37 -10.17 -12.56 11.35
C LYS A 37 -9.48 -11.57 10.41
N LEU A 38 -8.28 -11.13 10.82
CA LEU A 38 -7.40 -10.31 9.98
C LEU A 38 -6.98 -11.14 8.78
N ASP A 39 -7.35 -10.64 7.59
CA ASP A 39 -7.22 -11.36 6.34
C ASP A 39 -6.18 -10.80 5.38
N TRP A 40 -6.31 -9.51 5.02
CA TRP A 40 -5.33 -8.84 4.11
C TRP A 40 -4.99 -7.40 4.56
N PHE A 41 -3.79 -6.91 4.20
CA PHE A 41 -3.43 -5.48 4.29
C PHE A 41 -3.14 -4.95 2.90
N GLU A 42 -3.19 -3.62 2.78
CA GLU A 42 -2.83 -2.88 1.57
C GLU A 42 -2.06 -1.62 2.00
N VAL A 43 -0.85 -1.42 1.47
CA VAL A 43 -0.05 -0.24 1.80
C VAL A 43 -0.68 0.97 1.10
N THR A 44 -1.06 2.00 1.87
CA THR A 44 -1.58 3.27 1.33
C THR A 44 -0.51 4.37 1.11
N GLN A 45 0.61 4.31 1.83
CA GLN A 45 1.64 5.36 1.81
C GLN A 45 2.88 4.89 2.59
N VAL A 46 4.07 5.26 2.11
CA VAL A 46 5.27 5.18 2.95
C VAL A 46 5.78 6.60 3.17
N ARG A 47 5.89 6.99 4.43
CA ARG A 47 6.35 8.31 4.85
C ARG A 47 7.39 8.05 5.94
N GLY A 48 7.77 9.10 6.68
CA GLY A 48 8.74 8.92 7.75
C GLY A 48 9.34 10.22 8.22
N GLN A 49 9.86 10.19 9.44
CA GLN A 49 10.43 11.35 10.12
C GLN A 49 11.92 11.30 9.88
N ILE A 50 12.51 12.47 9.61
CA ILE A 50 13.96 12.59 9.52
C ILE A 50 14.45 13.43 10.70
N GLU A 51 15.50 12.94 11.34
CA GLU A 51 16.12 13.63 12.46
C GLU A 51 17.61 13.47 12.34
N ASP A 52 18.32 14.60 12.37
CA ASP A 52 19.79 14.66 12.21
C ASP A 52 20.24 14.06 10.89
N GLY A 53 19.51 14.38 9.82
CA GLY A 53 19.76 13.83 8.49
C GLY A 53 19.75 12.31 8.39
N GLN A 54 18.97 11.66 9.24
CA GLN A 54 18.74 10.22 9.20
C GLN A 54 17.24 9.94 9.29
N VAL A 55 16.82 8.74 8.87
CA VAL A 55 15.44 8.32 9.04
C VAL A 55 15.26 7.72 10.42
N ALA A 56 14.47 8.42 11.23
CA ALA A 56 14.21 8.07 12.61
C ALA A 56 13.07 7.04 12.73
N HIS A 57 12.05 7.17 11.88
CA HIS A 57 10.92 6.22 11.87
C HIS A 57 10.35 6.06 10.49
N TRP A 58 10.13 4.81 10.14
CA TRP A 58 9.42 4.48 8.93
C TRP A 58 7.96 4.47 9.31
N GLN A 59 7.14 5.18 8.56
CA GLN A 59 5.71 5.22 8.82
C GLN A 59 4.96 4.68 7.62
N VAL A 60 4.46 3.45 7.70
CA VAL A 60 3.80 2.85 6.57
C VAL A 60 2.31 2.84 6.80
N GLY A 61 1.57 3.58 5.99
CA GLY A 61 0.10 3.54 6.05
C GLY A 61 -0.40 2.20 5.54
N LEU A 62 -1.54 1.74 6.07
CA LEU A 62 -2.07 0.42 5.72
C LEU A 62 -3.58 0.37 5.85
N LYS A 63 -4.24 -0.33 4.94
CA LYS A 63 -5.62 -0.71 5.16
C LYS A 63 -5.58 -2.13 5.69
N LEU A 64 -6.30 -2.41 6.77
CA LEU A 64 -6.39 -3.79 7.24
C LEU A 64 -7.77 -4.34 6.96
N GLY A 65 -7.88 -5.32 6.08
CA GLY A 65 -9.14 -5.99 5.87
C GLY A 65 -9.33 -7.14 6.85
N PHE A 66 -10.41 -7.11 7.64
CA PHE A 66 -10.72 -8.25 8.53
C PHE A 66 -12.17 -8.64 8.41
N ARG A 67 -12.48 -9.92 8.56
CA ARG A 67 -13.87 -10.37 8.39
C ARG A 67 -14.75 -9.98 9.59
N LEU A 68 -15.91 -9.38 9.32
CA LEU A 68 -16.83 -8.99 10.41
C LEU A 68 -17.56 -10.19 10.97
N GLU A 69 -17.42 -10.41 12.27
CA GLU A 69 -18.30 -11.33 13.00
C GLU A 69 -19.72 -10.72 13.04
N GLU A 70 -20.73 -11.58 13.06
CA GLU A 70 -22.15 -11.14 13.14
C GLU A 70 -22.45 -10.37 14.44
N SER A 71 -23.37 -9.41 14.40
CA SER A 71 -23.62 -8.47 15.52
C SER A 71 -24.37 -9.09 16.71
C FOR B 1 3.70 23.39 11.75
O FOR B 1 2.93 23.36 10.78
N MET B 2 4.47 24.49 11.93
CA MET B 2 4.81 25.26 13.18
C MET B 2 4.84 26.78 12.86
N SER B 3 4.85 27.63 13.91
CA SER B 3 4.41 29.05 13.83
C SER B 3 4.93 29.90 12.65
N ASN B 4 4.04 30.03 11.66
CA ASN B 4 4.30 30.72 10.38
C ASN B 4 5.56 30.21 9.62
N HIS B 5 6.00 28.98 9.88
CA HIS B 5 7.09 28.36 9.11
C HIS B 5 6.62 27.95 7.72
N THR B 6 7.38 28.36 6.71
CA THR B 6 7.25 27.80 5.38
C THR B 6 8.19 26.57 5.29
N TYR B 7 7.68 25.53 4.62
CA TYR B 7 8.41 24.28 4.38
C TYR B 7 8.56 24.12 2.87
N ARG B 8 9.76 23.75 2.46
CA ARG B 8 10.05 23.47 1.07
C ARG B 8 9.99 21.93 0.89
N VAL B 9 9.29 21.47 -0.16
CA VAL B 9 9.12 20.02 -0.48
C VAL B 9 9.77 19.67 -1.84
N THR B 10 11.08 19.40 -1.79
CA THR B 10 11.89 19.06 -2.96
C THR B 10 11.85 17.54 -3.25
N GLU B 11 11.88 17.18 -4.53
CA GLU B 11 11.70 15.80 -4.98
C GLU B 11 13.02 15.19 -5.49
N VAL B 12 13.31 13.98 -5.02
CA VAL B 12 14.52 13.26 -5.38
C VAL B 12 14.18 11.77 -5.61
N VAL B 13 15.06 11.05 -6.31
CA VAL B 13 15.03 9.59 -6.41
C VAL B 13 16.30 9.09 -5.70
N GLY B 14 16.10 8.27 -4.67
CA GLY B 14 17.18 7.62 -3.93
C GLY B 14 17.43 6.24 -4.48
N THR B 15 18.69 5.80 -4.47
CA THR B 15 19.17 4.60 -5.17
C THR B 15 20.11 3.71 -4.32
N SER B 16 20.00 2.40 -4.49
CA SER B 16 20.80 1.39 -3.77
C SER B 16 20.72 0.06 -4.50
N PRO B 17 21.84 -0.71 -4.55
CA PRO B 17 21.76 -2.08 -5.08
C PRO B 17 21.16 -3.15 -4.15
N ASP B 18 20.81 -2.81 -2.92
CA ASP B 18 20.40 -3.80 -1.89
C ASP B 18 18.92 -3.71 -1.43
N GLY B 19 18.26 -2.58 -1.65
CA GLY B 19 16.82 -2.52 -1.40
C GLY B 19 16.17 -1.15 -1.37
N VAL B 20 14.85 -1.19 -1.15
CA VAL B 20 14.01 0.00 -1.04
C VAL B 20 14.46 0.91 0.11
N ASP B 21 14.62 0.33 1.30
CA ASP B 21 15.03 1.05 2.52
C ASP B 21 16.39 1.74 2.40
N GLN B 22 17.39 1.02 1.89
CA GLN B 22 18.72 1.60 1.73
C GLN B 22 18.71 2.69 0.67
N ALA B 23 17.87 2.54 -0.35
CA ALA B 23 17.69 3.60 -1.36
C ALA B 23 17.16 4.92 -0.76
N VAL B 24 16.23 4.79 0.20
CA VAL B 24 15.70 5.95 0.94
C VAL B 24 16.79 6.51 1.86
N ARG B 25 17.55 5.66 2.57
CA ARG B 25 18.66 6.14 3.40
C ARG B 25 19.79 6.87 2.61
N ASN B 26 20.08 6.43 1.38
CA ASN B 26 21.13 7.05 0.59
C ASN B 26 20.78 8.48 0.14
N ALA B 27 19.51 8.68 -0.22
CA ALA B 27 18.98 10.01 -0.53
C ALA B 27 18.88 10.92 0.68
N VAL B 28 18.47 10.37 1.82
CA VAL B 28 18.35 11.19 3.05
C VAL B 28 19.75 11.69 3.47
N THR B 29 20.72 10.77 3.42
CA THR B 29 22.12 11.04 3.66
C THR B 29 22.64 12.10 2.71
N ARG B 30 22.45 11.89 1.40
CA ARG B 30 22.89 12.87 0.42
C ARG B 30 22.19 14.22 0.62
N ALA B 31 20.87 14.20 0.85
CA ALA B 31 20.16 15.45 1.10
C ALA B 31 20.67 16.20 2.32
N SER B 32 21.04 15.49 3.40
CA SER B 32 21.49 16.15 4.64
C SER B 32 22.89 16.82 4.57
N GLN B 33 23.65 16.50 3.54
CA GLN B 33 24.94 17.15 3.31
C GLN B 33 24.82 18.61 2.90
N THR B 34 23.78 18.95 2.14
CA THR B 34 23.51 20.34 1.71
C THR B 34 22.30 21.00 2.39
N LEU B 35 21.34 20.22 2.90
CA LEU B 35 20.08 20.76 3.43
C LEU B 35 19.97 20.63 4.93
N ARG B 36 19.37 21.66 5.55
CA ARG B 36 19.14 21.71 6.98
C ARG B 36 17.64 21.72 7.24
N LYS B 37 17.29 21.27 8.47
CA LYS B 37 15.91 21.19 8.99
C LYS B 37 15.05 20.20 8.22
N LEU B 38 15.70 19.10 7.78
CA LEU B 38 15.00 17.97 7.16
C LEU B 38 14.10 17.33 8.19
N ASP B 39 12.80 17.34 7.88
CA ASP B 39 11.74 16.98 8.82
C ASP B 39 11.02 15.68 8.49
N TRP B 40 10.44 15.59 7.28
CA TRP B 40 9.74 14.37 6.81
C TRP B 40 10.07 14.02 5.34
N PHE B 41 9.96 12.73 4.99
CA PHE B 41 9.93 12.26 3.60
C PHE B 41 8.59 11.57 3.32
N GLU B 42 8.27 11.47 2.04
CA GLU B 42 7.10 10.74 1.54
C GLU B 42 7.52 9.98 0.27
N VAL B 43 7.29 8.67 0.23
CA VAL B 43 7.65 7.87 -0.95
C VAL B 43 6.62 8.19 -2.05
N THR B 44 7.10 8.66 -3.20
CA THR B 44 6.25 8.91 -4.37
C THR B 44 6.17 7.73 -5.39
N GLN B 45 7.17 6.85 -5.41
CA GLN B 45 7.17 5.64 -6.23
C GLN B 45 8.37 4.75 -5.97
N VAL B 46 8.21 3.45 -6.18
CA VAL B 46 9.33 2.52 -6.19
C VAL B 46 9.45 1.95 -7.61
N ARG B 47 10.62 2.12 -8.19
CA ARG B 47 10.92 1.68 -9.56
C ARG B 47 12.28 0.98 -9.45
N GLY B 48 12.92 0.70 -10.58
CA GLY B 48 14.22 0.05 -10.54
C GLY B 48 14.65 -0.53 -11.87
N GLN B 49 15.96 -0.71 -12.01
CA GLN B 49 16.60 -1.19 -13.23
C GLN B 49 16.77 -2.68 -13.09
N ILE B 50 16.51 -3.42 -14.15
CA ILE B 50 16.78 -4.85 -14.19
C ILE B 50 17.90 -5.11 -15.18
N GLU B 51 18.88 -5.91 -14.77
CA GLU B 51 20.01 -6.28 -15.60
C GLU B 51 20.31 -7.73 -15.35
N ASP B 52 20.35 -8.50 -16.44
CA ASP B 52 20.57 -9.97 -16.42
C ASP B 52 19.52 -10.68 -15.57
N GLY B 53 18.26 -10.27 -15.74
CA GLY B 53 17.15 -10.81 -14.95
C GLY B 53 17.29 -10.69 -13.44
N GLN B 54 18.00 -9.67 -12.98
CA GLN B 54 18.11 -9.33 -11.56
C GLN B 54 17.85 -7.83 -11.36
N VAL B 55 17.52 -7.43 -10.14
CA VAL B 55 17.36 -6.02 -9.81
C VAL B 55 18.73 -5.43 -9.48
N ALA B 56 19.18 -4.54 -10.35
CA ALA B 56 20.47 -3.89 -10.24
C ALA B 56 20.43 -2.67 -9.31
N HIS B 57 19.33 -1.92 -9.34
CA HIS B 57 19.16 -0.75 -8.47
C HIS B 57 17.72 -0.54 -8.11
N TRP B 58 17.51 -0.29 -6.83
CA TRP B 58 16.22 0.11 -6.34
C TRP B 58 16.19 1.62 -6.47
N GLN B 59 15.15 2.16 -7.07
CA GLN B 59 15.02 3.59 -7.24
C GLN B 59 13.75 4.05 -6.53
N VAL B 60 13.88 4.67 -5.37
CA VAL B 60 12.72 5.08 -4.61
C VAL B 60 12.55 6.58 -4.74
N GLY B 61 11.46 7.02 -5.35
CA GLY B 61 11.15 8.44 -5.40
C GLY B 61 10.74 8.93 -4.03
N LEU B 62 11.01 10.19 -3.71
CA LEU B 62 10.75 10.75 -2.39
C LEU B 62 10.47 12.24 -2.44
N LYS B 63 9.54 12.71 -1.63
CA LYS B 63 9.44 14.14 -1.37
C LYS B 63 10.17 14.37 -0.07
N LEU B 64 11.04 15.37 -0.01
CA LEU B 64 11.68 15.69 1.26
C LEU B 64 11.13 17.01 1.78
N GLY B 65 10.40 16.98 2.88
CA GLY B 65 9.96 18.21 3.51
C GLY B 65 11.03 18.74 4.47
N PHE B 66 11.48 19.97 4.26
CA PHE B 66 12.42 20.60 5.20
C PHE B 66 11.99 22.01 5.53
N ARG B 67 12.24 22.46 6.75
CA ARG B 67 11.79 23.81 7.15
C ARG B 67 12.62 24.92 6.53
N LEU B 68 11.97 25.90 5.91
CA LEU B 68 12.70 27.03 5.30
C LEU B 68 13.23 27.98 6.35
N GLU B 69 14.54 28.21 6.34
CA GLU B 69 15.13 29.33 7.08
C GLU B 69 14.69 30.64 6.39
N GLU B 70 14.58 31.72 7.18
CA GLU B 70 14.19 33.04 6.64
C GLU B 70 15.25 33.59 5.67
N SER B 71 14.82 34.37 4.67
CA SER B 71 15.71 34.83 3.56
C SER B 71 16.71 35.92 3.96
C FOR C 1 -25.07 18.94 6.31
O FOR C 1 -23.89 19.08 5.96
N MET C 2 -25.36 18.93 7.64
CA MET C 2 -26.47 19.63 8.39
C MET C 2 -25.92 20.19 9.72
N SER C 3 -26.69 21.08 10.37
CA SER C 3 -26.16 22.06 11.37
C SER C 3 -25.17 21.55 12.44
N ASN C 4 -23.90 21.82 12.17
CA ASN C 4 -22.75 21.37 12.97
C ASN C 4 -22.70 19.83 13.23
N HIS C 5 -23.35 19.03 12.39
CA HIS C 5 -23.25 17.57 12.49
C HIS C 5 -21.89 17.08 11.98
N THR C 6 -21.24 16.25 12.79
CA THR C 6 -20.11 15.47 12.34
C THR C 6 -20.66 14.12 11.80
N TYR C 7 -20.05 13.68 10.70
CA TYR C 7 -20.38 12.42 10.03
C TYR C 7 -19.14 11.54 10.07
N ARG C 8 -19.35 10.28 10.41
CA ARG C 8 -18.30 9.29 10.39
C ARG C 8 -18.41 8.50 9.06
N VAL C 9 -17.27 8.32 8.37
CA VAL C 9 -17.18 7.60 7.05
C VAL C 9 -16.32 6.33 7.19
N THR C 10 -16.96 5.25 7.63
CA THR C 10 -16.33 3.95 7.84
C THR C 10 -16.33 3.11 6.54
N GLU C 11 -15.28 2.32 6.35
CA GLU C 11 -15.07 1.55 5.12
C GLU C 11 -15.30 0.05 5.33
N VAL C 12 -16.08 -0.55 4.43
CA VAL C 12 -16.41 -1.96 4.47
C VAL C 12 -16.34 -2.55 3.04
N VAL C 13 -16.24 -3.88 2.95
CA VAL C 13 -16.40 -4.61 1.69
C VAL C 13 -17.65 -5.48 1.86
N GLY C 14 -18.63 -5.26 0.99
CA GLY C 14 -19.87 -6.04 0.96
C GLY C 14 -19.76 -7.14 -0.07
N THR C 15 -20.38 -8.28 0.23
CA THR C 15 -20.19 -9.55 -0.50
C THR C 15 -21.50 -10.29 -0.82
N SER C 16 -21.55 -10.93 -1.99
CA SER C 16 -22.72 -11.68 -2.48
C SER C 16 -22.28 -12.62 -3.60
N PRO C 17 -22.87 -13.85 -3.66
CA PRO C 17 -22.62 -14.71 -4.84
C PRO C 17 -23.39 -14.36 -6.14
N ASP C 18 -24.26 -13.36 -6.10
CA ASP C 18 -25.19 -13.06 -7.23
C ASP C 18 -24.97 -11.72 -7.96
N GLY C 19 -24.26 -10.77 -7.33
CA GLY C 19 -23.88 -9.56 -8.04
C GLY C 19 -23.37 -8.40 -7.22
N VAL C 20 -23.02 -7.33 -7.94
CA VAL C 20 -22.53 -6.08 -7.38
C VAL C 20 -23.56 -5.44 -6.44
N ASP C 21 -24.81 -5.29 -6.94
CA ASP C 21 -25.92 -4.68 -6.18
C ASP C 21 -26.25 -5.42 -4.89
N GLN C 22 -26.36 -6.74 -4.96
CA GLN C 22 -26.68 -7.52 -3.75
C GLN C 22 -25.53 -7.47 -2.76
N ALA C 23 -24.30 -7.38 -3.26
CA ALA C 23 -23.12 -7.19 -2.37
C ALA C 23 -23.19 -5.88 -1.57
N VAL C 24 -23.66 -4.80 -2.22
CA VAL C 24 -23.86 -3.51 -1.57
C VAL C 24 -25.05 -3.62 -0.58
N ARG C 25 -26.15 -4.27 -0.97
CA ARG C 25 -27.28 -4.48 -0.03
C ARG C 25 -26.92 -5.33 1.23
N ASN C 26 -26.03 -6.32 1.09
CA ASN C 26 -25.66 -7.17 2.22
C ASN C 26 -24.83 -6.42 3.27
N ALA C 27 -23.93 -5.54 2.81
CA ALA C 27 -23.19 -4.64 3.68
C ALA C 27 -24.05 -3.56 4.33
N VAL C 28 -24.99 -3.00 3.58
CA VAL C 28 -25.87 -1.94 4.13
C VAL C 28 -26.74 -2.55 5.24
N THR C 29 -27.29 -3.74 4.96
CA THR C 29 -28.04 -4.55 5.91
C THR C 29 -27.23 -4.83 7.14
N ARG C 30 -26.03 -5.40 6.95
CA ARG C 30 -25.16 -5.71 8.09
C ARG C 30 -24.79 -4.44 8.85
N ALA C 31 -24.44 -3.37 8.15
CA ALA C 31 -24.11 -2.12 8.82
C ALA C 31 -25.27 -1.56 9.64
N SER C 32 -26.51 -1.69 9.15
CA SER C 32 -27.69 -1.13 9.86
C SER C 32 -28.09 -1.88 11.17
N GLN C 33 -27.57 -3.08 11.35
CA GLN C 33 -27.79 -3.83 12.58
C GLN C 33 -27.09 -3.21 13.80
N THR C 34 -25.92 -2.63 13.61
CA THR C 34 -25.16 -1.96 14.68
C THR C 34 -25.12 -0.42 14.58
N LEU C 35 -25.31 0.14 13.38
CA LEU C 35 -25.14 1.59 13.16
C LEU C 35 -26.44 2.31 12.89
N ARG C 36 -26.53 3.53 13.41
CA ARG C 36 -27.69 4.39 13.26
C ARG C 36 -27.30 5.64 12.45
N LYS C 37 -28.32 6.22 11.80
CA LYS C 37 -28.22 7.44 10.99
C LYS C 37 -27.37 7.25 9.75
N LEU C 38 -27.45 6.04 9.18
CA LEU C 38 -26.83 5.71 7.89
C LEU C 38 -27.49 6.56 6.81
N ASP C 39 -26.66 7.38 6.16
CA ASP C 39 -27.12 8.41 5.24
C ASP C 39 -26.76 8.16 3.77
N TRP C 40 -25.46 7.99 3.47
CA TRP C 40 -25.00 7.71 2.09
C TRP C 40 -23.88 6.63 2.07
N PHE C 41 -23.76 5.93 0.93
CA PHE C 41 -22.59 5.08 0.61
C PHE C 41 -21.90 5.61 -0.64
N GLU C 42 -20.65 5.21 -0.82
CA GLU C 42 -19.85 5.49 -2.02
C GLU C 42 -19.05 4.23 -2.35
N VAL C 43 -19.17 3.73 -3.59
CA VAL C 43 -18.42 2.53 -4.01
C VAL C 43 -16.94 2.94 -4.19
N THR C 44 -16.04 2.28 -3.46
CA THR C 44 -14.59 2.47 -3.61
C THR C 44 -13.89 1.50 -4.60
N GLN C 45 -14.47 0.33 -4.86
CA GLN C 45 -13.86 -0.73 -5.68
C GLN C 45 -14.88 -1.85 -5.93
N VAL C 46 -14.85 -2.45 -7.11
CA VAL C 46 -15.51 -3.74 -7.32
C VAL C 46 -14.42 -4.76 -7.66
N ARG C 47 -14.35 -5.81 -6.86
CA ARG C 47 -13.36 -6.88 -7.00
C ARG C 47 -14.17 -8.17 -6.88
N GLY C 48 -13.49 -9.30 -6.71
CA GLY C 48 -14.19 -10.57 -6.58
C GLY C 48 -13.30 -11.76 -6.76
N GLN C 49 -13.74 -12.89 -6.22
CA GLN C 49 -13.02 -14.16 -6.23
C GLN C 49 -13.51 -14.94 -7.41
N ILE C 50 -12.59 -15.60 -8.11
CA ILE C 50 -12.94 -16.52 -9.19
C ILE C 50 -12.58 -17.93 -8.75
N GLU C 51 -13.52 -18.86 -8.95
CA GLU C 51 -13.32 -20.26 -8.64
C GLU C 51 -13.94 -21.08 -9.74
N ASP C 52 -13.14 -21.99 -10.30
CA ASP C 52 -13.54 -22.86 -11.43
C ASP C 52 -13.98 -22.04 -12.64
N GLY C 53 -13.23 -20.99 -12.93
CA GLY C 53 -13.54 -20.07 -14.02
C GLY C 53 -14.92 -19.41 -13.95
N GLN C 54 -15.43 -19.23 -12.74
CA GLN C 54 -16.67 -18.50 -12.49
C GLN C 54 -16.45 -17.48 -11.36
N VAL C 55 -17.32 -16.48 -11.27
CA VAL C 55 -17.29 -15.52 -10.17
C VAL C 55 -18.05 -16.10 -8.98
N ALA C 56 -17.30 -16.39 -7.92
CA ALA C 56 -17.82 -17.00 -6.72
C ALA C 56 -18.40 -15.94 -5.77
N HIS C 57 -17.77 -14.78 -5.68
CA HIS C 57 -18.26 -13.67 -4.84
C HIS C 57 -17.93 -12.33 -5.43
N TRP C 58 -18.93 -11.47 -5.42
CA TRP C 58 -18.74 -10.10 -5.77
C TRP C 58 -18.33 -9.39 -4.50
N GLN C 59 -17.26 -8.64 -4.54
CA GLN C 59 -16.78 -7.91 -3.38
C GLN C 59 -16.80 -6.42 -3.70
N VAL C 60 -17.77 -5.69 -3.18
CA VAL C 60 -17.87 -4.28 -3.49
C VAL C 60 -17.41 -3.47 -2.29
N GLY C 61 -16.31 -2.75 -2.44
CA GLY C 61 -15.86 -1.83 -1.38
C GLY C 61 -16.82 -0.66 -1.29
N LEU C 62 -16.96 -0.09 -0.09
CA LEU C 62 -17.92 0.98 0.15
C LEU C 62 -17.47 1.89 1.29
N LYS C 63 -17.71 3.19 1.14
CA LYS C 63 -17.63 4.08 2.29
C LYS C 63 -19.06 4.24 2.78
N LEU C 64 -19.29 4.11 4.08
CA LEU C 64 -20.62 4.38 4.60
C LEU C 64 -20.60 5.66 5.40
N GLY C 65 -21.28 6.70 4.93
CA GLY C 65 -21.44 7.90 5.70
C GLY C 65 -22.63 7.80 6.65
N PHE C 66 -22.40 7.98 7.96
CA PHE C 66 -23.51 8.03 8.91
C PHE C 66 -23.36 9.18 9.87
N ARG C 67 -24.47 9.77 10.32
CA ARG C 67 -24.36 10.95 11.19
C ARG C 67 -23.94 10.59 12.61
N LEU C 68 -22.93 11.27 13.15
CA LEU C 68 -22.48 10.99 14.53
C LEU C 68 -23.44 11.55 15.54
N GLU C 69 -23.95 10.69 16.42
CA GLU C 69 -24.64 11.14 17.64
C GLU C 69 -23.60 11.78 18.58
N GLU C 70 -24.05 12.76 19.37
CA GLU C 70 -23.15 13.45 20.33
C GLU C 70 -22.62 12.49 21.42
N SER C 71 -21.41 12.75 21.92
CA SER C 71 -20.73 11.83 22.87
C SER C 71 -21.31 11.84 24.29
C FOR D 1 14.44 4.59 -25.78
O FOR D 1 13.29 5.03 -25.68
N MET D 2 14.73 3.74 -26.81
CA MET D 2 15.90 3.66 -27.76
C MET D 2 15.36 3.41 -29.19
N SER D 3 16.24 3.57 -30.21
CA SER D 3 15.83 3.82 -31.62
C SER D 3 14.71 2.95 -32.22
N ASN D 4 13.51 3.54 -32.23
CA ASN D 4 12.26 2.90 -32.66
C ASN D 4 11.94 1.55 -31.95
N HIS D 5 12.50 1.31 -30.77
CA HIS D 5 12.14 0.14 -29.97
C HIS D 5 10.77 0.27 -29.35
N THR D 6 9.94 -0.76 -29.54
CA THR D 6 8.73 -0.92 -28.76
C THR D 6 9.08 -1.74 -27.50
N TYR D 7 8.47 -1.32 -26.39
CA TYR D 7 8.63 -1.96 -25.08
C TYR D 7 7.26 -2.47 -24.65
N ARG D 8 7.24 -3.69 -24.16
CA ARG D 8 6.04 -4.30 -23.62
C ARG D 8 6.09 -4.14 -22.08
N VAL D 9 4.97 -3.69 -21.48
CA VAL D 9 4.83 -3.46 -20.01
C VAL D 9 3.76 -4.42 -19.40
N THR D 10 4.21 -5.63 -19.08
CA THR D 10 3.37 -6.68 -18.50
C THR D 10 3.32 -6.56 -16.95
N GLU D 11 2.15 -6.89 -16.39
CA GLU D 11 1.90 -6.72 -14.95
C GLU D 11 1.86 -8.06 -14.21
N VAL D 12 2.57 -8.10 -13.09
CA VAL D 12 2.66 -9.28 -12.24
C VAL D 12 2.57 -8.88 -10.75
N VAL D 13 2.23 -9.85 -9.89
CA VAL D 13 2.35 -9.71 -8.44
C VAL D 13 3.44 -10.70 -8.00
N GLY D 14 4.49 -10.17 -7.36
CA GLY D 14 5.58 -10.96 -6.81
C GLY D 14 5.34 -11.20 -5.34
N THR D 15 5.76 -12.37 -4.85
CA THR D 15 5.40 -12.89 -3.51
C THR D 15 6.60 -13.48 -2.73
N SER D 16 6.60 -13.29 -1.42
CA SER D 16 7.67 -13.79 -0.51
C SER D 16 7.15 -13.78 0.93
N PRO D 17 7.53 -14.78 1.75
CA PRO D 17 7.21 -14.71 3.20
C PRO D 17 8.10 -13.79 4.05
N ASP D 18 9.12 -13.16 3.46
CA ASP D 18 10.13 -12.41 4.25
C ASP D 18 10.16 -10.88 4.00
N GLY D 19 9.60 -10.40 2.88
CA GLY D 19 9.44 -8.96 2.72
C GLY D 19 9.08 -8.47 1.33
N VAL D 20 8.95 -7.14 1.25
CA VAL D 20 8.65 -6.42 0.02
C VAL D 20 9.72 -6.64 -1.05
N ASP D 21 10.99 -6.43 -0.68
CA ASP D 21 12.13 -6.59 -1.58
C ASP D 21 12.29 -8.00 -2.15
N GLN D 22 12.18 -9.01 -1.30
CA GLN D 22 12.30 -10.39 -1.77
C GLN D 22 11.12 -10.77 -2.67
N ALA D 23 9.95 -10.19 -2.39
CA ALA D 23 8.77 -10.39 -3.27
C ALA D 23 9.01 -9.84 -4.69
N VAL D 24 9.68 -8.70 -4.80
CA VAL D 24 10.07 -8.11 -6.07
C VAL D 24 11.16 -8.98 -6.73
N ARG D 25 12.16 -9.44 -5.97
CA ARG D 25 13.19 -10.35 -6.54
C ARG D 25 12.63 -11.71 -7.05
N ASN D 26 11.59 -12.25 -6.39
CA ASN D 26 11.02 -13.53 -6.81
C ASN D 26 10.29 -13.44 -8.16
N ALA D 27 9.57 -12.33 -8.36
CA ALA D 27 8.94 -12.02 -9.64
C ALA D 27 9.93 -11.70 -10.75
N VAL D 28 10.98 -10.97 -10.43
CA VAL D 28 12.00 -10.61 -11.46
C VAL D 28 12.70 -11.90 -11.93
N THR D 29 13.04 -12.75 -10.98
CA THR D 29 13.61 -14.07 -11.21
C THR D 29 12.69 -14.91 -12.06
N ARG D 30 11.44 -15.05 -11.64
CA ARG D 30 10.47 -15.82 -12.40
C ARG D 30 10.26 -15.21 -13.80
N ALA D 31 10.13 -13.90 -13.89
CA ALA D 31 9.97 -13.27 -15.20
C ALA D 31 11.16 -13.50 -16.13
N SER D 32 12.39 -13.52 -15.59
CA SER D 32 13.60 -13.70 -16.43
C SER D 32 13.80 -15.12 -17.00
N GLN D 33 13.08 -16.10 -16.47
CA GLN D 33 13.10 -17.46 -17.00
C GLN D 33 12.44 -17.58 -18.38
N THR D 34 11.39 -16.80 -18.62
CA THR D 34 10.70 -16.80 -19.94
C THR D 34 10.92 -15.53 -20.78
N LEU D 35 11.27 -14.40 -20.14
CA LEU D 35 11.34 -13.10 -20.84
C LEU D 35 12.77 -12.59 -20.98
N ARG D 36 13.03 -11.95 -22.12
CA ARG D 36 14.33 -11.39 -22.45
C ARG D 36 14.19 -9.87 -22.57
N LYS D 37 15.32 -9.19 -22.36
CA LYS D 37 15.48 -7.72 -22.44
C LYS D 37 14.67 -7.00 -21.38
N LEU D 38 14.57 -7.62 -20.19
CA LEU D 38 13.98 -6.99 -19.01
C LEU D 38 14.83 -5.80 -18.61
N ASP D 39 14.18 -4.63 -18.64
CA ASP D 39 14.86 -3.34 -18.49
C ASP D 39 14.54 -2.60 -17.20
N TRP D 40 13.25 -2.34 -16.92
CA TRP D 40 12.81 -1.66 -15.69
C TRP D 40 11.54 -2.31 -15.06
N PHE D 41 11.38 -2.17 -13.73
CA PHE D 41 10.11 -2.45 -13.04
C PHE D 41 9.59 -1.19 -12.38
N GLU D 42 8.30 -1.20 -12.08
CA GLU D 42 7.62 -0.14 -11.33
C GLU D 42 6.63 -0.80 -10.34
N VAL D 43 6.74 -0.46 -9.06
CA VAL D 43 5.84 -1.03 -8.05
C VAL D 43 4.47 -0.37 -8.21
N THR D 44 3.42 -1.17 -8.44
CA THR D 44 2.03 -0.67 -8.53
C THR D 44 1.23 -0.74 -7.19
N GLN D 45 1.64 -1.61 -6.27
CA GLN D 45 0.90 -1.83 -5.01
C GLN D 45 1.73 -2.74 -4.08
N VAL D 46 1.67 -2.50 -2.78
CA VAL D 46 2.11 -3.51 -1.80
C VAL D 46 0.88 -3.92 -0.99
N ARG D 47 0.61 -5.22 -1.00
CA ARG D 47 -0.54 -5.81 -0.31
C ARG D 47 0.04 -7.03 0.43
N GLY D 48 -0.83 -7.91 0.92
CA GLY D 48 -0.34 -9.09 1.63
C GLY D 48 -1.41 -9.78 2.44
N GLN D 49 -1.17 -11.06 2.70
CA GLN D 49 -2.08 -11.94 3.44
C GLN D 49 -1.67 -11.91 4.88
N ILE D 50 -2.65 -11.85 5.78
CA ILE D 50 -2.41 -11.98 7.22
C ILE D 50 -3.00 -13.29 7.68
N GLU D 51 -2.21 -14.05 8.45
CA GLU D 51 -2.65 -15.30 9.02
C GLU D 51 -2.12 -15.39 10.43
N ASP D 52 -3.03 -15.62 11.38
CA ASP D 52 -2.71 -15.70 12.82
C ASP D 52 -2.07 -14.41 13.32
N GLY D 53 -2.63 -13.27 12.88
CA GLY D 53 -2.10 -11.95 13.22
C GLY D 53 -0.64 -11.71 12.86
N GLN D 54 -0.18 -12.38 11.80
CA GLN D 54 1.15 -12.16 11.22
C GLN D 54 1.03 -12.00 9.71
N VAL D 55 2.04 -11.40 9.08
CA VAL D 55 2.10 -11.29 7.62
C VAL D 55 2.70 -12.58 7.07
N ALA D 56 1.87 -13.33 6.36
CA ALA D 56 2.22 -14.61 5.80
C ALA D 56 2.91 -14.46 4.43
N HIS D 57 2.46 -13.49 3.63
CA HIS D 57 3.07 -13.22 2.32
C HIS D 57 3.00 -11.76 1.97
N TRP D 58 4.12 -11.25 1.50
CA TRP D 58 4.18 -9.94 0.95
C TRP D 58 3.81 -10.08 -0.52
N GLN D 59 2.88 -9.29 -0.99
CA GLN D 59 2.46 -9.34 -2.38
C GLN D 59 2.73 -7.98 -3.02
N VAL D 60 3.79 -7.88 -3.82
CA VAL D 60 4.14 -6.60 -4.41
C VAL D 60 3.75 -6.61 -5.88
N GLY D 61 2.80 -5.77 -6.27
CA GLY D 61 2.46 -5.60 -7.67
C GLY D 61 3.59 -4.89 -8.41
N LEU D 62 3.75 -5.19 -9.69
CA LEU D 62 4.86 -4.65 -10.47
C LEU D 62 4.52 -4.54 -11.94
N LYS D 63 4.97 -3.48 -12.60
CA LYS D 63 4.98 -3.45 -14.05
C LYS D 63 6.37 -3.85 -14.46
N LEU D 64 6.50 -4.76 -15.41
CA LEU D 64 7.84 -5.09 -15.92
C LEU D 64 7.99 -4.55 -17.33
N GLY D 65 8.86 -3.57 -17.53
CA GLY D 65 9.15 -3.10 -18.86
C GLY D 65 10.25 -3.93 -19.50
N PHE D 66 9.98 -4.55 -20.66
CA PHE D 66 11.04 -5.26 -21.39
C PHE D 66 11.03 -4.89 -22.85
N ARG D 67 12.19 -4.87 -23.50
CA ARG D 67 12.25 -4.46 -24.93
C ARG D 67 11.70 -5.52 -25.86
N LEU D 68 10.79 -5.15 -26.76
CA LEU D 68 10.23 -6.12 -27.73
C LEU D 68 11.23 -6.44 -28.81
N GLU D 69 11.55 -7.72 -28.97
CA GLU D 69 12.23 -8.21 -30.18
C GLU D 69 11.27 -8.09 -31.38
N GLU D 70 11.83 -7.86 -32.57
CA GLU D 70 11.02 -7.72 -33.81
C GLU D 70 10.27 -9.03 -34.15
N SER D 71 9.09 -8.90 -34.77
CA SER D 71 8.20 -10.07 -35.00
C SER D 71 8.65 -11.01 -36.12
N1 FMN E . 2.40 16.20 11.60
C2 FMN E . 1.97 17.35 11.06
O2 FMN E . 2.17 18.37 11.73
N3 FMN E . 1.35 17.40 9.86
C4 FMN E . 1.10 16.32 9.11
O4 FMN E . 0.50 16.43 8.03
C4A FMN E . 1.55 15.01 9.63
N5 FMN E . 1.37 13.85 8.96
C5A FMN E . 1.80 12.68 9.49
C6 FMN E . 1.60 11.51 8.78
C7 FMN E . 2.03 10.30 9.30
C7M FMN E . 1.82 9.01 8.56
C8 FMN E . 2.71 10.24 10.63
C8M FMN E . 3.17 8.92 11.20
C9 FMN E . 2.92 11.43 11.34
C9A FMN E . 2.49 12.64 10.82
N10 FMN E . 2.69 13.84 11.52
C10 FMN E . 2.22 15.02 10.95
C1' FMN E . 3.35 13.92 12.83
C2' FMN E . 2.34 13.58 13.91
O2' FMN E . 1.24 14.51 13.85
C3' FMN E . 2.94 13.57 15.32
O3' FMN E . 3.50 14.84 15.71
C4' FMN E . 4.02 12.49 15.50
O4' FMN E . 3.54 11.25 14.98
C5' FMN E . 4.36 12.28 16.96
O5' FMN E . 3.17 11.80 17.56
P FMN E . 3.17 10.86 18.83
O1P FMN E . 4.13 11.48 19.83
O2P FMN E . 1.71 10.90 19.19
O3P FMN E . 3.65 9.51 18.33
N1 FMN F . -6.18 -11.87 -0.11
C2 FMN F . -4.86 -11.70 -0.30
O2 FMN F . -4.12 -12.68 -0.05
N3 FMN F . -4.34 -10.54 -0.76
C4 FMN F . -5.09 -9.46 -1.03
O4 FMN F . -4.56 -8.40 -1.42
C4A FMN F . -6.55 -9.57 -0.84
N5 FMN F . -7.40 -8.56 -1.10
C5A FMN F . -8.73 -8.71 -0.91
C6 FMN F . -9.58 -7.64 -1.17
C7 FMN F . -10.94 -7.78 -0.99
C7M FMN F . -11.88 -6.63 -1.26
C8 FMN F . -11.52 -9.06 -0.49
C8M FMN F . -13.01 -9.22 -0.27
C9 FMN F . -10.66 -10.12 -0.22
C9A FMN F . -9.28 -10.00 -0.40
N10 FMN F . -8.41 -11.06 -0.14
C10 FMN F . -7.05 -10.87 -0.35
C1' FMN F . -8.86 -12.37 0.34
C2' FMN F . -8.99 -12.32 1.85
O2' FMN F . -7.73 -11.95 2.43
C3' FMN F . -9.44 -13.65 2.47
O3' FMN F . -8.47 -14.71 2.31
C4' FMN F . -10.81 -14.06 1.92
O4' FMN F . -11.71 -12.94 2.01
C5' FMN F . -11.43 -15.21 2.72
O5' FMN F . -11.53 -14.73 4.05
P FMN F . -12.75 -15.08 5.02
O1P FMN F . -12.86 -16.58 5.05
O2P FMN F . -12.27 -14.39 6.27
O3P FMN F . -13.97 -14.45 4.39
N1A COA G . -15.70 -8.88 14.02
C2A COA G . -16.48 -8.22 14.93
N3A COA G . -15.97 -7.69 16.06
C4A COA G . -14.65 -7.81 16.34
C5A COA G . -13.74 -8.51 15.41
C6A COA G . -14.36 -9.07 14.19
N6A COA G . -13.59 -9.73 13.28
N7A COA G . -12.50 -8.48 15.94
C8A COA G . -12.59 -7.81 17.10
N9A COA G . -13.86 -7.42 17.35
C1B COA G . -14.38 -6.65 18.52
C2B COA G . -13.76 -7.03 19.85
O2B COA G . -14.48 -8.12 20.43
C3B COA G . -13.92 -5.72 20.61
O3B COA G . -15.28 -5.55 21.01
P3B COA G . -15.80 -5.56 22.55
O7A COA G . -15.37 -4.23 23.11
O8A COA G . -15.08 -6.75 23.16
O9A COA G . -17.30 -5.74 22.41
C4B COA G . -13.63 -4.68 19.55
O4B COA G . -14.17 -5.24 18.34
C5B COA G . -12.16 -4.41 19.32
O5B COA G . -11.65 -3.59 20.35
P1A COA G . -11.73 -1.98 20.30
O1A COA G . -12.40 -1.55 21.59
O2A COA G . -12.27 -1.51 18.97
O3A COA G . -10.17 -1.58 20.54
P2A COA G . -9.01 -1.27 19.46
O4A COA G . -7.70 -1.10 20.19
O5A COA G . -9.02 -2.30 18.36
O6A COA G . -9.41 0.18 18.88
CBP COA G . -10.26 2.39 18.75
CCP COA G . -9.97 1.21 19.67
CDP COA G . -10.69 3.62 19.55
CEP COA G . -8.96 2.70 18.04
CAP COA G . -11.36 1.98 17.77
OAP COA G . -12.54 1.72 18.54
C9P COA G . -11.63 3.00 16.68
O9P COA G . -10.87 3.06 15.70
N8P COA G . -12.69 3.80 16.85
C7P COA G . -13.07 4.85 15.91
C6P COA G . -13.19 6.18 16.63
C5P COA G . -13.69 7.29 15.70
O5P COA G . -13.53 7.24 14.49
N4P COA G . -14.30 8.30 16.30
C3P COA G . -14.80 9.45 15.58
C2P COA G . -14.80 10.70 16.44
S1P COA G . -15.26 12.11 15.39
CL CL H . -8.73 -15.47 13.90
NA NA I . 17.24 17.81 13.73
S SO4 J . -9.13 6.21 1.21
O1 SO4 J . -9.74 4.92 0.80
O2 SO4 J . -9.97 6.83 2.25
O3 SO4 J . -9.03 7.08 0.01
O4 SO4 J . -7.78 6.01 1.78
S SO4 K . 3.57 2.91 -2.82
O1 SO4 K . 2.69 3.94 -3.42
O2 SO4 K . 2.90 1.57 -2.84
O3 SO4 K . 3.85 3.31 -1.43
O4 SO4 K . 4.82 2.84 -3.61
N1 FMN L . 5.92 14.33 10.44
C2 FMN L . 6.06 12.99 10.35
O2 FMN L . 6.63 12.41 11.29
N3 FMN L . 5.60 12.30 9.29
C4 FMN L . 4.99 12.87 8.26
O4 FMN L . 4.60 12.19 7.29
C4A FMN L . 4.79 14.33 8.28
N5 FMN L . 4.18 15.00 7.30
C5A FMN L . 4.04 16.34 7.38
C6 FMN L . 3.41 17.00 6.33
C7 FMN L . 3.24 18.37 6.38
C7M FMN L . 2.57 19.09 5.25
C8 FMN L . 3.75 19.15 7.53
C8M FMN L . 3.58 20.66 7.57
C9 FMN L . 4.39 18.50 8.58
C9A FMN L . 4.56 17.12 8.54
N10 FMN L . 5.20 16.43 9.59
C10 FMN L . 5.32 15.04 9.47
C1' FMN L . 5.73 17.08 10.80
C2' FMN L . 7.16 17.53 10.52
O2' FMN L . 8.00 16.40 10.26
C3' FMN L . 7.81 18.36 11.64
O3' FMN L . 8.15 17.61 12.81
C4' FMN L . 6.98 19.60 12.01
O4' FMN L . 6.67 20.35 10.82
C5' FMN L . 7.77 20.51 12.93
O5' FMN L . 8.94 20.90 12.21
P FMN L . 9.63 22.32 12.40
O1P FMN L . 9.99 22.42 13.87
O2P FMN L . 10.77 22.16 11.44
O3P FMN L . 8.59 23.34 11.99
N1A COA M . 16.42 26.82 4.56
C2A COA M . 16.97 27.73 3.71
N3A COA M . 18.10 27.49 3.04
C4A COA M . 18.76 26.30 3.20
C5A COA M . 18.22 25.27 4.11
C6A COA M . 16.97 25.60 4.81
N6A COA M . 16.42 24.71 5.67
N7A COA M . 19.06 24.22 4.07
C8A COA M . 20.07 24.53 3.21
N9A COA M . 19.88 25.77 2.70
C1B COA M . 20.72 26.49 1.71
C2B COA M . 22.21 26.28 1.89
O2B COA M . 22.68 27.20 2.87
C3B COA M . 22.68 26.50 0.46
O3B COA M . 22.66 27.88 0.08
P3B COA M . 24.01 28.76 -0.14
O7A COA M . 24.63 28.23 -1.42
O8A COA M . 24.83 28.48 1.10
O9A COA M . 23.51 30.19 -0.24
C4B COA M . 21.60 25.81 -0.35
O4B COA M . 20.39 26.05 0.38
C5B COA M . 21.75 24.30 -0.48
O5B COA M . 22.77 23.99 -1.42
P1A COA M . 22.50 23.98 -3.02
O1A COA M . 23.49 24.96 -3.59
O2A COA M . 21.01 24.13 -3.32
O3A COA M . 23.04 22.51 -3.42
P2A COA M . 22.28 21.09 -3.46
O4A COA M . 23.35 20.02 -3.66
O5A COA M . 21.37 20.88 -2.29
O6A COA M . 21.41 21.15 -4.81
CBP COA M . 20.66 21.75 -6.99
CCP COA M . 21.78 21.88 -5.98
CDP COA M . 21.12 22.20 -8.37
CEP COA M . 20.29 20.28 -7.05
CAP COA M . 19.49 22.63 -6.51
OAP COA M . 19.96 23.99 -6.47
C9P COA M . 18.23 22.49 -7.37
O9P COA M . 17.54 21.48 -7.27
N8P COA M . 17.91 23.49 -8.21
C7P COA M . 16.75 23.48 -9.10
C6P COA M . 17.18 23.66 -10.56
C5P COA M . 16.02 23.82 -11.51
O5P COA M . 14.91 23.41 -11.23
N4P COA M . 16.29 24.46 -12.65
C3P COA M . 15.31 24.71 -13.68
C2P COA M . 15.92 24.75 -15.08
S1P COA M . 14.56 24.78 -16.29
CL CL N . 19.05 20.66 11.52
NA NA O . 20.91 -7.36 -19.95
S SO4 P . 10.59 20.73 -6.91
O1 SO4 P . 10.11 20.78 -8.30
O2 SO4 P . 9.53 21.22 -6.00
O3 SO4 P . 11.78 21.58 -6.76
O4 SO4 P . 10.94 19.33 -6.56
S SO4 Q . 3.67 15.87 -7.78
O1 SO4 Q . 2.81 16.04 -6.59
O2 SO4 Q . 2.94 16.29 -9.00
O3 SO4 Q . 4.88 16.72 -7.62
O4 SO4 Q . 4.09 14.45 -7.90
N1A COA R . -23.44 7.78 16.35
C2A COA R . -22.72 7.43 17.46
N3A COA R . -22.65 6.16 17.87
C4A COA R . -23.32 5.17 17.21
C5A COA R . -24.11 5.48 16.00
C6A COA R . -24.13 6.89 15.58
N6A COA R . -24.84 7.27 14.48
N7A COA R . -24.64 4.32 15.55
C8A COA R . -24.23 3.35 16.39
N9A COA R . -23.44 3.84 17.37
C1B COA R . -22.79 3.10 18.49
C2B COA R . -23.72 2.10 19.18
O2B COA R . -24.60 2.73 20.11
C3B COA R . -22.69 1.19 19.83
O3B COA R . -22.11 1.80 20.97
P3B COA R . -22.16 1.03 22.37
O7A COA R . -21.26 -0.16 22.15
O8A COA R . -23.63 0.70 22.52
O9A COA R . -21.66 2.07 23.33
C4B COA R . -21.64 1.09 18.76
O4B COA R . -21.64 2.35 18.07
C5B COA R . -21.97 -0.02 17.79
O5B COA R . -20.82 -0.31 17.02
P1A COA R . -19.74 -1.43 17.47
O1A COA R . -20.02 -1.86 18.89
O2A COA R . -18.40 -0.83 17.09
O3A COA R . -20.09 -2.74 16.60
P2A COA R . -19.92 -2.99 15.00
O4A COA R . -20.38 -4.39 14.67
O5A COA R . -20.62 -1.88 14.25
O6A COA R . -18.33 -2.91 14.73
CBP COA R . -15.96 -3.14 14.96
CCP COA R . -17.32 -3.50 15.53
CDP COA R . -14.85 -3.87 15.72
CEP COA R . -15.92 -3.61 13.51
CAP COA R . -15.73 -1.62 15.03
OAP COA R . -15.73 -1.27 16.42
C9P COA R . -14.45 -1.12 14.35
O9P COA R . -14.44 -0.92 13.13
N8P COA R . -13.38 -0.89 15.14
C7P COA R . -12.10 -0.39 14.64
C6P COA R . -10.94 -1.29 15.04
C5P COA R . -9.58 -0.74 14.65
O5P COA R . -9.44 0.08 13.75
N4P COA R . -8.55 -1.22 15.34
C3P COA R . -7.19 -0.80 15.10
C2P COA R . -6.19 -1.75 15.73
S1P COA R . -4.55 -1.41 15.01
N1 FMN S . -8.79 -12.61 -3.24
C2 FMN S . -10.05 -12.14 -3.26
O2 FMN S . -10.92 -12.95 -2.90
N3 FMN S . -10.35 -10.89 -3.64
C4 FMN S . -9.43 -10.01 -4.02
O4 FMN S . -9.77 -8.85 -4.39
C4A FMN S . -8.01 -10.45 -4.03
N5 FMN S . -6.99 -9.65 -4.38
C5A FMN S . -5.72 -10.12 -4.35
C6 FMN S . -4.69 -9.28 -4.74
C7 FMN S . -3.38 -9.73 -4.72
C7M FMN S . -2.25 -8.83 -5.14
C8 FMN S . -3.06 -11.12 -4.31
C8M FMN S . -1.62 -11.62 -4.30
C9 FMN S . -4.09 -11.97 -3.93
C9A FMN S . -5.41 -11.52 -3.94
N10 FMN S . -6.47 -12.36 -3.55
C10 FMN S . -7.77 -11.83 -3.59
C1' FMN S . -6.31 -13.76 -3.11
C2' FMN S . -6.21 -14.63 -4.35
O2' FMN S . -7.36 -14.44 -5.18
C3' FMN S . -6.05 -16.13 -4.07
O3' FMN S . -7.20 -16.73 -3.45
C4' FMN S . -4.80 -16.41 -3.24
O4' FMN S . -3.71 -15.65 -3.78
C5' FMN S . -4.42 -17.88 -3.27
O5' FMN S . -4.06 -18.14 -4.62
P FMN S . -3.11 -19.33 -5.06
O1P FMN S . -3.38 -20.47 -4.10
O2P FMN S . -3.56 -19.52 -6.47
O3P FMN S . -1.68 -18.84 -4.95
CL CL T . -31.89 6.05 11.91
NA NA U . -10.06 -23.40 -8.83
S SO4 V . -11.99 3.90 8.87
O1 SO4 V . -11.93 3.40 10.24
O2 SO4 V . -13.05 3.16 8.17
O3 SO4 V . -12.29 5.34 8.89
O4 SO4 V . -10.69 3.67 8.20
S SO4 W . -15.75 2.24 -10.22
O1 SO4 W . -16.16 3.58 -9.70
O2 SO4 W . -16.95 1.40 -10.37
O3 SO4 W . -14.82 1.60 -9.28
O4 SO4 W . -15.10 2.41 -11.53
N1A COA X . 10.47 -9.88 -27.23
C2A COA X . 9.64 -10.71 -27.92
N3A COA X . 9.37 -11.95 -27.50
C4A COA X . 9.93 -12.42 -26.33
C5A COA X . 10.83 -11.56 -25.54
C6A COA X . 11.08 -10.21 -26.06
N6A COA X . 11.90 -9.37 -25.39
N7A COA X . 11.21 -12.27 -24.46
C8A COA X . 10.62 -13.49 -24.55
N9A COA X . 9.86 -13.58 -25.66
C1B COA X . 9.03 -14.70 -26.13
C2B COA X . 9.61 -16.09 -25.86
O2B COA X . 10.52 -16.41 -26.91
C3B COA X . 8.33 -16.90 -25.81
O3B COA X . 7.76 -17.10 -27.11
P3B COA X . 7.82 -18.49 -27.94
O7A COA X . 6.91 -19.44 -27.19
O8A COA X . 9.29 -18.86 -27.91
O9A COA X . 7.30 -18.09 -29.30
C4B COA X . 7.37 -15.98 -25.07
O4B COA X . 7.72 -14.67 -25.52
C5B COA X . 7.51 -16.03 -23.57
O5B COA X . 6.93 -17.24 -23.06
P1A COA X . 5.35 -17.36 -22.75
O1A COA X . 4.88 -18.59 -23.52
O2A COA X . 4.65 -16.03 -22.96
O3A COA X . 5.35 -17.85 -21.22
P2A COA X . 5.33 -16.98 -19.85
O4A COA X . 5.60 -17.94 -18.71
O5A COA X . 6.23 -15.78 -19.97
O6A COA X . 3.79 -16.50 -19.70
CBP COA X . 1.42 -16.45 -19.98
CCP COA X . 2.68 -17.28 -20.16
CDP COA X . 0.19 -17.31 -20.30
CEP COA X . 1.36 -16.01 -18.54
CAP COA X . 1.51 -15.24 -20.92
OAP COA X . 1.58 -15.75 -22.26
C9P COA X . 0.38 -14.23 -20.73
O9P COA X . 0.49 -13.37 -19.86
N8P COA X . -0.69 -14.31 -21.54
C7P COA X . -1.84 -13.40 -21.46
C6P COA X . -3.15 -14.17 -21.48
C5P COA X . -4.39 -13.29 -21.46
O5P COA X . -4.37 -12.16 -21.00
N4P COA X . -5.51 -13.85 -21.93
C3P COA X . -6.78 -13.18 -21.88
C2P COA X . -7.95 -14.14 -21.98
S1P COA X . -9.48 -13.21 -21.63
CL CL Y . 18.70 -10.18 -22.23
NA NA Z . -6.35 -17.10 10.89
#